data_7Q03
#
_entry.id   7Q03
#
_cell.length_a   129.882
_cell.length_b   129.882
_cell.length_c   129.882
_cell.angle_alpha   90.000
_cell.angle_beta   90.000
_cell.angle_gamma   90.000
#
_symmetry.space_group_name_H-M   'I 2 3'
#
loop_
_entity.id
_entity.type
_entity.pdbx_description
1 polymer 'Ketol-acid reductoisomerase from Methanothermococcus thermolithotrophicus'
2 non-polymer GLYCEROL
3 non-polymer 1,2-ETHANEDIOL
4 non-polymer 2-[2-(2-METHOXY-ETHOXY)-ETHOXY]-ETHOXYL
5 non-polymer 'NADP NICOTINAMIDE-ADENINE-DINUCLEOTIDE PHOSPHATE'
6 non-polymer 'MAGNESIUM ION'
7 non-polymer 'SULFATE ION'
8 water water
#
_entity_poly.entity_id   1
_entity_poly.type   'polypeptide(L)'
_entity_poly.pdbx_seq_one_letter_code
;MMKVFYDSDTTFDAVKDKTIAVIGYGSQGRAQSLNMKDSGLKVVVGLRPNGASWNKAKEDGHEVLSIEEAAEKADIIHIL
IPDEIQGDVYNKQIKPYLKEGKTLSFSHGYNIHYGYIVPPEGVNVVMVAPKSPGAMVRRTYEEGFGVPGLVCVEKDATGD
ALDIALGMAKGVGLTRAGVIQTTFREETETDLFGEQAVLCGGVTELIKAGFETLVEAGYSPEMAYFETCHELKLIIDLIY
QKGFAGMWNDVSNTAEYGGLTRRSRVINEQSRQEMRKILKEIQDGRFTKEWALENISGKAHLNSMRRIESELLIEEVGAK
LRKMCGLQKD
;
_entity_poly.pdbx_strand_id   A
#
# COMPACT_ATOMS: atom_id res chain seq x y z
N MET A 2 17.74 -7.72 -14.33
CA MET A 2 17.14 -7.23 -13.05
C MET A 2 18.20 -6.27 -12.50
N LYS A 3 17.85 -4.98 -12.38
CA LYS A 3 18.78 -3.95 -11.86
C LYS A 3 17.99 -3.25 -10.75
N VAL A 4 18.58 -3.10 -9.56
CA VAL A 4 17.88 -2.46 -8.42
C VAL A 4 18.32 -1.00 -8.33
N PHE A 5 17.44 -0.08 -8.74
CA PHE A 5 17.80 1.32 -8.67
C PHE A 5 17.82 1.83 -7.23
N TYR A 6 18.77 2.71 -6.93
CA TYR A 6 18.92 3.31 -5.61
C TYR A 6 19.09 4.83 -5.78
N ASP A 7 19.56 5.47 -4.72
CA ASP A 7 19.77 6.95 -4.71
C ASP A 7 20.90 7.34 -5.65
N SER A 8 21.99 6.58 -5.66
CA SER A 8 23.15 6.88 -6.47
C SER A 8 22.94 6.57 -7.94
N ASP A 9 21.78 6.02 -8.30
CA ASP A 9 21.50 5.65 -9.71
C ASP A 9 20.28 6.40 -10.27
N THR A 10 19.71 7.34 -9.50
CA THR A 10 18.56 8.11 -9.95
C THR A 10 18.85 9.60 -9.87
N THR A 11 18.04 10.37 -10.59
CA THR A 11 18.19 11.84 -10.59
C THR A 11 16.80 12.48 -10.66
N PHE A 12 16.72 13.76 -10.32
CA PHE A 12 15.44 14.52 -10.38
C PHE A 12 15.43 15.37 -11.65
N ASP A 13 16.10 14.92 -12.72
CA ASP A 13 16.23 15.70 -13.97
C ASP A 13 14.90 15.88 -14.72
N ALA A 14 14.19 14.79 -14.98
CA ALA A 14 12.98 14.82 -15.79
C ALA A 14 11.75 15.29 -15.01
N VAL A 15 11.92 15.67 -13.74
CA VAL A 15 10.84 16.26 -12.96
C VAL A 15 11.21 17.63 -12.41
N LYS A 16 12.46 18.06 -12.56
CA LYS A 16 12.97 19.37 -12.17
C LYS A 16 11.99 20.50 -12.48
N ASP A 17 11.41 20.47 -13.67
CA ASP A 17 10.74 21.59 -14.31
C ASP A 17 9.29 21.26 -14.61
N LYS A 18 8.66 20.46 -13.77
CA LYS A 18 7.35 19.93 -14.11
C LYS A 18 6.43 19.97 -12.89
N THR A 19 5.16 20.32 -13.14
CA THR A 19 4.15 20.36 -12.06
C THR A 19 3.53 18.97 -11.92
N ILE A 20 3.38 18.53 -10.68
CA ILE A 20 2.85 17.21 -10.35
C ILE A 20 1.57 17.39 -9.56
N ALA A 21 0.46 16.89 -10.09
CA ALA A 21 -0.81 16.88 -9.38
C ALA A 21 -0.95 15.57 -8.62
N VAL A 22 -1.04 15.65 -7.30
CA VAL A 22 -1.33 14.50 -6.45
C VAL A 22 -2.84 14.54 -6.18
N ILE A 23 -3.58 13.72 -6.90
CA ILE A 23 -5.03 13.63 -6.70
C ILE A 23 -5.27 12.72 -5.50
N GLY A 24 -5.72 13.29 -4.40
CA GLY A 24 -5.98 12.49 -3.22
C GLY A 24 -5.11 12.84 -2.02
N TYR A 25 -5.62 12.60 -0.82
CA TYR A 25 -4.89 12.90 0.42
C TYR A 25 -5.26 11.90 1.50
N GLY A 26 -5.40 10.63 1.11
CA GLY A 26 -5.71 9.59 2.07
C GLY A 26 -4.48 8.97 2.68
N SER A 27 -4.47 7.64 2.80
CA SER A 27 -3.29 6.94 3.33
C SER A 27 -2.05 7.25 2.51
N GLN A 28 -2.04 6.84 1.24
CA GLN A 28 -0.90 7.13 0.38
C GLN A 28 -0.89 8.59 -0.07
N GLY A 29 -2.04 9.13 -0.45
CA GLY A 29 -2.18 10.50 -0.91
C GLY A 29 -1.45 11.51 -0.06
N ARG A 30 -1.83 11.60 1.21
CA ARG A 30 -1.15 12.50 2.14
C ARG A 30 0.31 12.08 2.33
N ALA A 31 0.57 10.78 2.43
CA ALA A 31 1.93 10.31 2.61
C ALA A 31 2.85 10.77 1.49
N GLN A 32 2.56 10.34 0.26
CA GLN A 32 3.44 10.62 -0.87
C GLN A 32 3.55 12.11 -1.16
N SER A 33 2.42 12.82 -1.06
CA SER A 33 2.43 14.26 -1.33
C SER A 33 3.35 15.00 -0.38
N LEU A 34 3.29 14.65 0.91
CA LEU A 34 4.09 15.35 1.90
C LEU A 34 5.58 15.11 1.70
N ASN A 35 5.92 13.90 1.24
CA ASN A 35 7.33 13.49 1.01
C ASN A 35 7.87 14.18 -0.23
N MET A 36 7.10 14.16 -1.32
CA MET A 36 7.52 14.81 -2.56
C MET A 36 7.83 16.29 -2.29
N LYS A 37 6.98 16.97 -1.55
CA LYS A 37 7.26 18.36 -1.20
C LYS A 37 8.51 18.46 -0.33
N ASP A 38 8.75 17.48 0.54
CA ASP A 38 9.95 17.53 1.42
C ASP A 38 11.20 17.61 0.56
N SER A 39 11.25 16.84 -0.53
CA SER A 39 12.39 16.83 -1.45
C SER A 39 12.49 18.07 -2.29
N GLY A 40 11.65 19.09 -2.04
CA GLY A 40 11.68 20.29 -2.85
C GLY A 40 11.11 20.08 -4.24
N LEU A 41 9.97 19.38 -4.31
CA LEU A 41 9.27 19.02 -5.60
C LEU A 41 8.05 19.96 -5.72
N LYS A 42 7.67 20.29 -6.95
CA LYS A 42 6.66 21.29 -7.29
C LYS A 42 5.35 20.51 -7.38
N VAL A 43 4.68 20.47 -6.23
CA VAL A 43 3.47 19.63 -6.07
C VAL A 43 2.20 20.44 -5.85
N VAL A 44 1.12 20.00 -6.48
CA VAL A 44 -0.20 20.56 -6.20
C VAL A 44 -1.14 19.40 -5.87
N VAL A 45 -1.94 19.59 -4.82
CA VAL A 45 -2.91 18.55 -4.34
C VAL A 45 -4.30 18.92 -4.84
N GLY A 46 -5.01 17.95 -5.43
CA GLY A 46 -6.34 18.19 -5.95
C GLY A 46 -7.40 17.37 -5.22
N LEU A 47 -8.21 18.07 -4.42
CA LEU A 47 -9.22 17.45 -3.52
C LEU A 47 -10.64 17.96 -3.80
N ARG A 48 -11.63 17.30 -3.19
CA ARG A 48 -13.04 17.73 -3.30
C ARG A 48 -13.26 18.97 -2.42
N PRO A 49 -13.97 20.01 -2.89
CA PRO A 49 -14.23 21.21 -2.08
C PRO A 49 -15.27 21.09 -0.95
N ASN A 50 -16.00 19.97 -0.90
CA ASN A 50 -17.05 19.76 0.12
C ASN A 50 -16.55 18.55 0.93
N GLY A 51 -15.39 18.00 0.56
CA GLY A 51 -14.78 16.86 1.27
C GLY A 51 -13.96 17.26 2.49
N ALA A 52 -13.68 16.28 3.36
CA ALA A 52 -12.91 16.50 4.61
C ALA A 52 -11.41 16.71 4.35
N SER A 53 -10.76 15.78 3.63
CA SER A 53 -9.29 15.90 3.39
C SER A 53 -8.91 17.28 2.83
N TRP A 54 -9.83 17.94 2.10
CA TRP A 54 -9.45 19.30 1.59
C TRP A 54 -8.98 20.23 2.71
N ASN A 55 -9.69 20.26 3.85
CA ASN A 55 -9.30 21.14 4.98
C ASN A 55 -7.98 20.64 5.58
N LYS A 56 -7.79 19.32 5.60
CA LYS A 56 -6.58 18.66 6.15
C LYS A 56 -5.36 18.96 5.26
N ALA A 57 -5.50 18.93 3.94
CA ALA A 57 -4.31 19.23 3.13
C ALA A 57 -3.97 20.72 3.25
N LYS A 58 -4.99 21.56 3.41
CA LYS A 58 -4.79 23.04 3.52
C LYS A 58 -4.01 23.37 4.79
N GLU A 59 -4.33 22.69 5.89
CA GLU A 59 -3.64 22.93 7.19
C GLU A 59 -2.18 22.50 7.13
N ASP A 60 -1.90 21.44 6.36
CA ASP A 60 -0.54 20.86 6.21
C ASP A 60 0.39 21.79 5.40
N GLY A 61 -0.12 22.92 4.90
CA GLY A 61 0.73 23.83 4.16
C GLY A 61 0.89 23.50 2.70
N HIS A 62 -0.15 22.91 2.10
CA HIS A 62 -0.11 22.52 0.66
C HIS A 62 -0.98 23.45 -0.18
N GLU A 63 -0.74 23.47 -1.50
CA GLU A 63 -1.49 24.30 -2.47
C GLU A 63 -2.78 23.56 -2.84
N VAL A 64 -3.70 23.40 -1.89
CA VAL A 64 -4.96 22.67 -2.22
C VAL A 64 -5.67 23.38 -3.37
N LEU A 65 -6.08 22.62 -4.38
CA LEU A 65 -6.84 23.13 -5.55
C LEU A 65 -7.89 22.10 -5.94
N SER A 66 -8.84 22.50 -6.78
CA SER A 66 -9.88 21.57 -7.29
C SER A 66 -9.19 20.55 -8.22
N ILE A 67 -9.66 19.29 -8.20
CA ILE A 67 -9.05 18.23 -9.00
C ILE A 67 -8.89 18.68 -10.45
N GLU A 68 -9.94 19.27 -11.01
CA GLU A 68 -9.89 19.77 -12.37
C GLU A 68 -8.83 20.84 -12.53
N GLU A 69 -8.79 21.81 -11.61
CA GLU A 69 -7.79 22.86 -11.67
C GLU A 69 -6.38 22.29 -11.59
N ALA A 70 -6.14 21.43 -10.59
CA ALA A 70 -4.86 20.74 -10.50
C ALA A 70 -4.59 19.92 -11.76
N ALA A 71 -5.63 19.30 -12.32
CA ALA A 71 -5.44 18.48 -13.50
C ALA A 71 -5.06 19.32 -14.71
N GLU A 72 -5.66 20.51 -14.84
CA GLU A 72 -5.37 21.34 -16.00
C GLU A 72 -4.01 22.02 -15.90
N LYS A 73 -3.54 22.29 -14.69
CA LYS A 73 -2.27 22.99 -14.51
C LYS A 73 -1.08 22.05 -14.61
N ALA A 74 -1.22 20.81 -14.16
CA ALA A 74 -0.07 19.96 -13.93
C ALA A 74 0.40 19.28 -15.22
N ASP A 75 1.68 18.91 -15.24
CA ASP A 75 2.21 18.04 -16.28
C ASP A 75 1.99 16.57 -15.93
N ILE A 76 2.17 16.22 -14.65
CA ILE A 76 2.04 14.85 -14.17
C ILE A 76 0.83 14.78 -13.23
N ILE A 77 0.02 13.74 -13.41
CA ILE A 77 -1.20 13.54 -12.63
C ILE A 77 -1.03 12.24 -11.84
N HIS A 78 -0.83 12.36 -10.53
CA HIS A 78 -0.63 11.22 -9.66
C HIS A 78 -1.92 10.93 -8.90
N ILE A 79 -2.49 9.76 -9.14
CA ILE A 79 -3.84 9.42 -8.69
C ILE A 79 -3.73 8.55 -7.45
N LEU A 80 -4.14 9.13 -6.32
CA LEU A 80 -4.04 8.44 -5.01
C LEU A 80 -5.38 8.45 -4.30
N ILE A 81 -6.38 7.88 -4.96
CA ILE A 81 -7.73 7.68 -4.36
C ILE A 81 -8.04 6.17 -4.41
N PRO A 82 -9.08 5.67 -3.75
CA PRO A 82 -9.35 4.24 -3.74
C PRO A 82 -9.65 3.76 -5.17
N ASP A 83 -9.14 2.56 -5.48
CA ASP A 83 -9.25 1.95 -6.82
C ASP A 83 -10.70 1.83 -7.27
N GLU A 84 -11.59 1.42 -6.38
CA GLU A 84 -13.02 1.17 -6.71
C GLU A 84 -13.71 2.41 -7.27
N ILE A 85 -13.17 3.61 -7.01
CA ILE A 85 -13.84 4.86 -7.49
C ILE A 85 -12.92 5.65 -8.43
N GLN A 86 -11.76 5.11 -8.79
CA GLN A 86 -10.86 5.82 -9.69
C GLN A 86 -11.43 5.93 -11.10
N GLY A 87 -12.21 4.93 -11.53
CA GLY A 87 -12.74 4.93 -12.88
C GLY A 87 -13.69 6.09 -13.13
N ASP A 88 -14.52 6.41 -12.15
CA ASP A 88 -15.48 7.50 -12.30
C ASP A 88 -14.78 8.85 -12.20
N VAL A 89 -13.89 9.01 -11.22
CA VAL A 89 -13.20 10.28 -11.03
C VAL A 89 -12.33 10.61 -12.24
N TYR A 90 -11.73 9.59 -12.86
CA TYR A 90 -10.87 9.83 -14.00
C TYR A 90 -11.65 10.33 -15.20
N ASN A 91 -12.70 9.59 -15.58
CA ASN A 91 -13.50 9.92 -16.79
C ASN A 91 -14.21 11.27 -16.64
N LYS A 92 -14.39 11.77 -15.42
CA LYS A 92 -15.21 13.01 -15.23
C LYS A 92 -14.38 14.22 -14.81
N GLN A 93 -13.28 14.03 -14.07
CA GLN A 93 -12.51 15.17 -13.57
C GLN A 93 -11.04 15.11 -13.93
N ILE A 94 -10.64 14.28 -14.90
CA ILE A 94 -9.22 14.13 -15.20
C ILE A 94 -9.06 14.00 -16.72
N LYS A 95 -9.67 12.95 -17.29
CA LYS A 95 -9.67 12.76 -18.74
C LYS A 95 -9.84 14.03 -19.56
N PRO A 96 -10.72 14.98 -19.21
CA PRO A 96 -10.85 16.18 -20.07
C PRO A 96 -9.60 17.04 -20.16
N TYR A 97 -8.82 17.09 -19.07
CA TYR A 97 -7.62 17.96 -19.02
C TYR A 97 -6.34 17.22 -19.41
N LEU A 98 -6.49 16.09 -20.08
CA LEU A 98 -5.35 15.31 -20.56
C LEU A 98 -4.99 15.77 -21.96
N LYS A 99 -3.82 16.39 -22.09
CA LYS A 99 -3.33 16.88 -23.40
C LYS A 99 -2.16 15.99 -23.81
N GLU A 100 -1.93 15.83 -25.12
CA GLU A 100 -0.82 14.96 -25.60
C GLU A 100 0.50 15.46 -24.99
N GLY A 101 1.31 14.52 -24.48
CA GLY A 101 2.58 14.88 -23.83
C GLY A 101 2.50 14.81 -22.33
N LYS A 102 1.28 14.72 -21.79
CA LYS A 102 1.04 14.64 -20.33
C LYS A 102 1.33 13.21 -19.85
N THR A 103 1.55 13.05 -18.55
CA THR A 103 1.85 11.76 -17.95
C THR A 103 0.79 11.42 -16.91
N LEU A 104 0.29 10.19 -16.95
CA LEU A 104 -0.68 9.67 -15.98
C LEU A 104 0.00 8.57 -15.19
N SER A 105 0.19 8.82 -13.88
CA SER A 105 0.92 7.90 -12.97
C SER A 105 0.03 7.40 -11.82
N PHE A 106 0.30 6.18 -11.36
CA PHE A 106 -0.44 5.50 -10.30
C PHE A 106 0.56 4.90 -9.32
N SER A 107 0.04 4.39 -8.21
CA SER A 107 0.84 3.61 -7.27
C SER A 107 0.37 2.16 -7.19
N HIS A 108 -0.56 1.77 -8.05
CA HIS A 108 -1.06 0.40 -8.10
C HIS A 108 -1.66 0.17 -9.48
N GLY A 109 -1.33 -0.96 -10.09
CA GLY A 109 -1.75 -1.24 -11.44
C GLY A 109 -3.15 -1.76 -11.61
N TYR A 110 -3.99 -1.68 -10.58
CA TYR A 110 -5.29 -2.33 -10.60
C TYR A 110 -6.18 -1.79 -11.72
N ASN A 111 -6.43 -0.48 -11.72
CA ASN A 111 -7.39 0.09 -12.67
C ASN A 111 -6.87 0.01 -14.10
N ILE A 112 -5.57 0.20 -14.29
CA ILE A 112 -5.00 0.12 -15.63
C ILE A 112 -5.01 -1.33 -16.12
N HIS A 113 -4.39 -2.24 -15.37
CA HIS A 113 -4.21 -3.60 -15.83
C HIS A 113 -5.54 -4.27 -16.15
N TYR A 114 -6.54 -4.09 -15.30
CA TYR A 114 -7.83 -4.73 -15.49
C TYR A 114 -8.75 -3.94 -16.41
N GLY A 115 -8.30 -2.81 -16.94
CA GLY A 115 -9.04 -2.13 -17.98
C GLY A 115 -10.11 -1.18 -17.52
N TYR A 116 -10.13 -0.80 -16.24
CA TYR A 116 -11.14 0.15 -15.78
C TYR A 116 -10.82 1.58 -16.18
N ILE A 117 -9.58 1.86 -16.58
CA ILE A 117 -9.20 3.17 -17.07
C ILE A 117 -8.43 2.97 -18.38
N VAL A 118 -8.97 3.49 -19.47
CA VAL A 118 -8.34 3.39 -20.79
C VAL A 118 -7.80 4.76 -21.14
N PRO A 119 -6.47 4.96 -21.09
CA PRO A 119 -5.91 6.28 -21.32
C PRO A 119 -5.93 6.63 -22.80
N PRO A 120 -5.86 7.91 -23.14
CA PRO A 120 -5.84 8.29 -24.55
C PRO A 120 -4.43 8.21 -25.12
N GLU A 121 -4.35 8.02 -26.43
CA GLU A 121 -3.07 7.94 -27.11
C GLU A 121 -2.32 9.27 -26.97
N GLY A 122 -0.99 9.19 -26.99
CA GLY A 122 -0.14 10.34 -26.85
C GLY A 122 0.20 10.74 -25.43
N VAL A 123 -0.26 9.93 -24.47
CA VAL A 123 -0.08 10.25 -23.01
C VAL A 123 0.75 9.15 -22.35
N ASN A 124 1.70 9.54 -21.49
CA ASN A 124 2.58 8.60 -20.77
C ASN A 124 1.78 7.93 -19.63
N VAL A 125 1.97 6.62 -19.47
CA VAL A 125 1.34 5.85 -18.40
C VAL A 125 2.44 5.11 -17.66
N VAL A 126 2.72 5.52 -16.43
CA VAL A 126 3.72 4.91 -15.58
C VAL A 126 3.11 4.60 -14.22
N MET A 127 3.92 4.00 -13.36
CA MET A 127 3.52 3.70 -11.99
C MET A 127 4.71 3.91 -11.07
N VAL A 128 4.44 4.49 -9.90
CA VAL A 128 5.40 4.60 -8.81
C VAL A 128 4.73 4.00 -7.58
N ALA A 129 5.13 2.80 -7.20
CA ALA A 129 4.39 2.01 -6.21
C ALA A 129 5.23 1.72 -4.98
N PRO A 130 4.88 2.27 -3.81
CA PRO A 130 5.56 1.87 -2.57
C PRO A 130 5.00 0.57 -2.00
N LYS A 131 5.89 -0.32 -1.58
CA LYS A 131 5.46 -1.64 -1.03
C LYS A 131 5.32 -1.55 0.49
N SER A 132 4.47 -0.64 0.97
CA SER A 132 4.24 -0.46 2.43
C SER A 132 2.94 0.34 2.65
N PRO A 133 2.33 0.27 3.84
CA PRO A 133 1.13 1.07 4.13
C PRO A 133 1.50 2.56 4.09
N GLY A 134 0.58 3.39 3.61
CA GLY A 134 0.84 4.83 3.45
C GLY A 134 1.36 5.49 4.71
N ALA A 135 0.86 5.10 5.90
CA ALA A 135 1.35 5.71 7.15
C ALA A 135 2.85 5.44 7.30
N MET A 136 3.27 4.21 7.02
CA MET A 136 4.71 3.81 7.12
C MET A 136 5.50 4.60 6.08
N VAL A 137 5.00 4.69 4.84
CA VAL A 137 5.75 5.43 3.78
C VAL A 137 6.28 6.79 4.26
N ARG A 138 5.48 7.54 5.01
CA ARG A 138 5.86 8.87 5.52
C ARG A 138 6.77 8.73 6.75
N ARG A 139 6.35 7.93 7.73
CA ARG A 139 7.13 7.79 8.96
C ARG A 139 8.54 7.28 8.66
N THR A 140 8.62 6.36 7.68
CA THR A 140 9.93 5.79 7.25
C THR A 140 10.77 6.89 6.60
N TYR A 141 10.12 7.83 5.91
CA TYR A 141 10.84 8.95 5.24
C TYR A 141 11.35 9.94 6.30
N GLU A 142 10.54 10.19 7.33
CA GLU A 142 10.91 11.13 8.38
C GLU A 142 12.11 10.66 9.18
N GLU A 143 12.24 9.34 9.35
CA GLU A 143 13.37 8.78 10.08
C GLU A 143 14.68 8.85 9.30
N GLY A 144 14.62 9.16 8.01
CA GLY A 144 15.81 9.17 7.18
C GLY A 144 15.98 7.98 6.27
N PHE A 145 14.99 7.08 6.29
CA PHE A 145 14.99 5.86 5.47
C PHE A 145 13.84 5.99 4.45
N GLY A 146 13.50 4.90 3.77
CA GLY A 146 12.38 4.87 2.80
C GLY A 146 11.79 3.49 2.71
N VAL A 147 10.76 3.28 1.89
CA VAL A 147 10.22 1.91 1.77
C VAL A 147 10.45 1.44 0.34
N PRO A 148 10.53 0.12 0.06
CA PRO A 148 10.78 -0.37 -1.28
C PRO A 148 9.72 0.09 -2.30
N GLY A 149 10.18 0.35 -3.52
CA GLY A 149 9.28 0.80 -4.59
C GLY A 149 9.51 0.09 -5.89
N LEU A 150 8.43 -0.07 -6.65
CA LEU A 150 8.50 -0.67 -7.99
C LEU A 150 8.28 0.46 -8.99
N VAL A 151 8.87 0.34 -10.18
CA VAL A 151 8.71 1.36 -11.25
C VAL A 151 8.13 0.57 -12.44
N CYS A 152 7.18 1.16 -13.17
CA CYS A 152 6.56 0.44 -14.31
C CYS A 152 6.20 1.47 -15.38
N VAL A 153 6.28 1.06 -16.64
CA VAL A 153 5.88 1.88 -17.79
C VAL A 153 4.90 1.07 -18.63
N GLU A 154 3.67 1.55 -18.73
CA GLU A 154 2.69 0.93 -19.60
C GLU A 154 2.59 1.60 -20.97
N LYS A 155 2.79 2.92 -21.04
CA LYS A 155 2.78 3.64 -22.30
C LYS A 155 3.86 4.72 -22.23
N ASP A 156 4.79 4.70 -23.18
CA ASP A 156 5.84 5.70 -23.30
C ASP A 156 5.62 6.47 -24.60
N ALA A 157 5.25 7.74 -24.48
CA ALA A 157 4.97 8.58 -25.64
C ALA A 157 5.97 9.71 -25.83
N THR A 158 6.53 10.25 -24.75
CA THR A 158 7.58 11.25 -24.84
C THR A 158 8.97 10.63 -24.85
N GLY A 159 9.07 9.31 -24.71
CA GLY A 159 10.37 8.67 -24.59
C GLY A 159 11.11 9.05 -23.35
N ASP A 160 10.36 9.39 -22.33
CA ASP A 160 10.85 10.11 -21.17
C ASP A 160 10.24 9.51 -19.92
N ALA A 161 9.27 8.60 -20.13
CA ALA A 161 8.46 7.95 -19.08
C ALA A 161 9.28 7.26 -17.99
N LEU A 162 10.27 6.44 -18.35
CA LEU A 162 11.05 5.74 -17.31
C LEU A 162 11.75 6.76 -16.41
N ASP A 163 12.34 7.81 -17.00
CA ASP A 163 13.04 8.85 -16.21
C ASP A 163 12.05 9.57 -15.29
N ILE A 164 10.85 9.87 -15.82
CA ILE A 164 9.81 10.58 -15.02
C ILE A 164 9.49 9.76 -13.77
N ALA A 165 9.19 8.47 -13.95
CA ALA A 165 8.84 7.62 -12.81
C ALA A 165 10.02 7.48 -11.86
N LEU A 166 11.23 7.32 -12.38
CA LEU A 166 12.41 7.30 -11.53
C LEU A 166 12.52 8.58 -10.70
N GLY A 167 12.29 9.73 -11.33
CA GLY A 167 12.36 10.99 -10.60
C GLY A 167 11.38 11.04 -9.45
N MET A 168 10.14 10.62 -9.69
CA MET A 168 9.13 10.68 -8.64
C MET A 168 9.40 9.67 -7.53
N ALA A 169 9.89 8.49 -7.93
CA ALA A 169 10.21 7.41 -6.95
C ALA A 169 11.24 7.93 -5.94
N LYS A 170 12.29 8.60 -6.43
CA LYS A 170 13.36 9.14 -5.55
C LYS A 170 12.75 10.20 -4.61
N GLY A 171 11.84 11.02 -5.13
CA GLY A 171 11.19 12.08 -4.33
C GLY A 171 10.41 11.49 -3.16
N VAL A 172 9.65 10.41 -3.43
CA VAL A 172 8.86 9.76 -2.39
C VAL A 172 9.77 9.11 -1.35
N GLY A 173 11.02 8.85 -1.70
CA GLY A 173 11.96 8.21 -0.79
C GLY A 173 12.18 6.74 -1.05
N LEU A 174 11.49 6.16 -2.02
CA LEU A 174 11.64 4.73 -2.33
C LEU A 174 13.02 4.33 -2.79
N THR A 175 13.77 5.30 -3.32
CA THR A 175 15.12 5.00 -3.87
C THR A 175 16.09 4.62 -2.74
N ARG A 176 15.81 5.05 -1.51
CA ARG A 176 16.68 4.73 -0.35
C ARG A 176 16.70 3.22 -0.09
N ALA A 177 15.54 2.57 -0.21
CA ALA A 177 15.38 1.12 0.02
C ALA A 177 15.65 0.33 -1.26
N GLY A 178 15.40 0.93 -2.43
CA GLY A 178 15.61 0.22 -3.68
C GLY A 178 14.41 0.28 -4.60
N VAL A 179 14.65 0.47 -5.89
CA VAL A 179 13.59 0.55 -6.89
C VAL A 179 13.88 -0.44 -8.00
N ILE A 180 12.87 -1.26 -8.32
CA ILE A 180 13.00 -2.29 -9.37
C ILE A 180 11.95 -2.00 -10.45
N GLN A 181 12.34 -2.15 -11.72
CA GLN A 181 11.40 -1.93 -12.84
C GLN A 181 10.66 -3.23 -13.12
N THR A 182 9.34 -3.16 -13.27
CA THR A 182 8.50 -4.35 -13.59
C THR A 182 7.32 -3.90 -14.45
N THR A 183 6.34 -4.79 -14.63
CA THR A 183 5.14 -4.48 -15.39
C THR A 183 3.96 -4.22 -14.47
N PHE A 184 2.92 -3.58 -15.03
CA PHE A 184 1.69 -3.38 -14.27
C PHE A 184 1.11 -4.70 -13.82
N ARG A 185 1.07 -5.68 -14.72
CA ARG A 185 0.53 -7.00 -14.42
C ARG A 185 1.24 -7.64 -13.22
N GLU A 186 2.57 -7.61 -13.21
CA GLU A 186 3.32 -8.26 -12.16
C GLU A 186 3.19 -7.52 -10.83
N GLU A 187 3.09 -6.20 -10.88
CA GLU A 187 2.88 -5.45 -9.64
C GLU A 187 1.51 -5.77 -9.05
N THR A 188 0.47 -5.76 -9.89
CA THR A 188 -0.90 -5.92 -9.39
C THR A 188 -1.13 -7.32 -8.85
N GLU A 189 -0.62 -8.34 -9.53
CA GLU A 189 -0.90 -9.71 -9.13
C GLU A 189 -0.16 -10.11 -7.87
N THR A 190 1.12 -9.73 -7.76
CA THR A 190 1.86 -10.03 -6.54
C THR A 190 1.32 -9.25 -5.35
N ASP A 191 0.93 -7.98 -5.58
CA ASP A 191 0.42 -7.15 -4.49
C ASP A 191 -0.87 -7.72 -3.90
N LEU A 192 -1.81 -8.07 -4.78
CA LEU A 192 -3.07 -8.63 -4.30
C LEU A 192 -2.86 -9.94 -3.56
N PHE A 193 -2.01 -10.82 -4.11
CA PHE A 193 -1.76 -12.10 -3.45
C PHE A 193 -1.13 -11.89 -2.08
N GLY A 194 -0.06 -11.11 -2.02
CA GLY A 194 0.61 -10.82 -0.77
C GLY A 194 -0.34 -10.39 0.32
N GLU A 195 -1.08 -9.30 0.06
CA GLU A 195 -2.05 -8.73 1.03
C GLU A 195 -3.09 -9.80 1.42
N GLN A 196 -3.52 -10.62 0.47
CA GLN A 196 -4.59 -11.58 0.75
C GLN A 196 -4.07 -12.78 1.54
N ALA A 197 -2.97 -13.39 1.08
CA ALA A 197 -2.52 -14.66 1.62
C ALA A 197 -1.59 -14.52 2.82
N VAL A 198 -0.90 -13.39 2.95
CA VAL A 198 0.10 -13.27 4.05
C VAL A 198 -0.03 -11.96 4.85
N LEU A 199 0.13 -10.81 4.19
CA LEU A 199 0.22 -9.51 4.90
C LEU A 199 -1.02 -9.15 5.73
N CYS A 200 -2.22 -9.31 5.20
CA CYS A 200 -3.41 -8.89 5.95
C CYS A 200 -4.28 -10.09 6.34
N GLY A 201 -4.59 -10.95 5.37
CA GLY A 201 -5.42 -12.10 5.67
C GLY A 201 -4.74 -13.10 6.58
N GLY A 202 -3.56 -13.56 6.17
CA GLY A 202 -2.84 -14.59 6.89
C GLY A 202 -2.57 -14.30 8.35
N VAL A 203 -1.86 -13.21 8.64
CA VAL A 203 -1.42 -12.92 10.01
C VAL A 203 -2.62 -12.77 10.92
N THR A 204 -3.66 -12.04 10.49
CA THR A 204 -4.81 -11.82 11.35
C THR A 204 -5.47 -13.14 11.73
N GLU A 205 -5.70 -14.02 10.74
CA GLU A 205 -6.30 -15.31 11.06
C GLU A 205 -5.35 -16.18 11.87
N LEU A 206 -4.04 -16.09 11.58
CA LEU A 206 -3.06 -16.81 12.39
C LEU A 206 -3.13 -16.37 13.85
N ILE A 207 -3.11 -15.06 14.08
CA ILE A 207 -3.18 -14.54 15.46
C ILE A 207 -4.51 -14.93 16.10
N LYS A 208 -5.61 -14.80 15.36
CA LYS A 208 -6.92 -15.13 15.91
C LYS A 208 -6.99 -16.58 16.35
N ALA A 209 -6.54 -17.51 15.50
CA ALA A 209 -6.61 -18.92 15.83
C ALA A 209 -5.79 -19.26 17.07
N GLY A 210 -4.65 -18.60 17.24
CA GLY A 210 -3.81 -18.84 18.40
C GLY A 210 -4.39 -18.25 19.68
N PHE A 211 -4.90 -17.03 19.58
CA PHE A 211 -5.53 -16.40 20.73
C PHE A 211 -6.67 -17.25 21.28
N GLU A 212 -7.56 -17.72 20.41
CA GLU A 212 -8.74 -18.44 20.84
C GLU A 212 -8.45 -19.88 21.22
N THR A 213 -7.32 -20.44 20.77
CA THR A 213 -6.90 -21.74 21.25
C THR A 213 -6.62 -21.71 22.75
N LEU A 214 -5.95 -20.65 23.21
CA LEU A 214 -5.61 -20.52 24.62
C LEU A 214 -6.82 -20.11 25.47
N VAL A 215 -7.61 -19.16 24.97
CA VAL A 215 -8.78 -18.69 25.73
C VAL A 215 -9.76 -19.83 25.97
N GLU A 216 -10.07 -20.59 24.91
CA GLU A 216 -10.99 -21.71 25.07
C GLU A 216 -10.38 -22.85 25.87
N ALA A 217 -9.05 -22.88 26.00
CA ALA A 217 -8.40 -23.82 26.91
C ALA A 217 -8.48 -23.36 28.36
N GLY A 218 -8.92 -22.13 28.63
CA GLY A 218 -9.09 -21.65 29.98
C GLY A 218 -8.05 -20.69 30.48
N TYR A 219 -7.08 -20.30 29.65
CA TYR A 219 -6.08 -19.33 30.07
C TYR A 219 -6.61 -17.91 29.92
N SER A 220 -6.02 -17.00 30.68
CA SER A 220 -6.43 -15.57 30.74
C SER A 220 -6.39 -14.92 29.35
N PRO A 221 -7.43 -14.15 28.95
CA PRO A 221 -7.44 -13.47 27.66
C PRO A 221 -6.34 -12.39 27.66
N GLU A 222 -6.07 -11.80 28.82
CA GLU A 222 -5.02 -10.78 28.92
C GLU A 222 -3.64 -11.38 28.59
N MET A 223 -3.34 -12.54 29.18
CA MET A 223 -2.08 -13.23 28.88
C MET A 223 -2.05 -13.66 27.42
N ALA A 224 -3.19 -14.15 26.90
CA ALA A 224 -3.22 -14.64 25.53
C ALA A 224 -2.90 -13.55 24.54
N TYR A 225 -3.33 -12.31 24.82
CA TYR A 225 -3.02 -11.20 23.93
C TYR A 225 -1.51 -10.97 23.83
N PHE A 226 -0.85 -10.86 24.98
CA PHE A 226 0.58 -10.57 25.00
C PHE A 226 1.38 -11.63 24.26
N GLU A 227 0.96 -12.89 24.33
CA GLU A 227 1.76 -14.01 23.86
C GLU A 227 1.51 -14.39 22.41
N THR A 228 0.34 -14.04 21.85
CA THR A 228 0.05 -14.35 20.46
C THR A 228 0.02 -13.13 19.55
N CYS A 229 -0.06 -11.92 20.10
CA CYS A 229 -0.30 -10.73 19.29
C CYS A 229 0.73 -9.64 19.58
N HIS A 230 0.85 -9.26 20.84
CA HIS A 230 1.73 -8.14 21.20
C HIS A 230 3.19 -8.48 20.95
N GLU A 231 3.63 -9.67 21.36
CA GLU A 231 5.01 -10.09 21.17
C GLU A 231 5.37 -10.30 19.70
N LEU A 232 4.36 -10.31 18.82
CA LEU A 232 4.62 -10.53 17.37
C LEU A 232 5.39 -9.33 16.80
N LYS A 233 5.00 -8.11 17.21
CA LYS A 233 5.64 -6.87 16.71
C LYS A 233 7.14 -6.87 17.02
N LEU A 234 7.53 -7.37 18.20
CA LEU A 234 8.93 -7.40 18.58
C LEU A 234 9.71 -8.48 17.84
N ILE A 235 9.02 -9.49 17.30
CA ILE A 235 9.71 -10.56 16.58
C ILE A 235 9.97 -10.18 15.12
N ILE A 236 8.98 -9.59 14.45
CA ILE A 236 9.12 -9.30 13.02
C ILE A 236 10.24 -8.31 12.76
N ASP A 237 10.46 -7.38 13.70
CA ASP A 237 11.57 -6.43 13.58
C ASP A 237 12.88 -7.16 13.30
N LEU A 238 13.12 -8.27 14.00
CA LEU A 238 14.35 -9.03 13.82
C LEU A 238 14.50 -9.53 12.39
N ILE A 239 13.39 -10.01 11.81
CA ILE A 239 13.39 -10.53 10.41
C ILE A 239 13.65 -9.36 9.46
N TYR A 240 12.95 -8.24 9.68
CA TYR A 240 13.10 -7.03 8.86
C TYR A 240 14.55 -6.60 8.75
N GLN A 241 15.31 -6.75 9.83
CA GLN A 241 16.69 -6.30 9.85
C GLN A 241 17.70 -7.40 9.55
N LYS A 242 17.35 -8.67 9.78
CA LYS A 242 18.31 -9.76 9.65
C LYS A 242 17.73 -11.04 9.07
N GLY A 243 16.44 -11.10 8.80
CA GLY A 243 15.85 -12.30 8.25
C GLY A 243 15.55 -13.34 9.32
N PHE A 244 15.45 -14.60 8.87
CA PHE A 244 15.13 -15.69 9.79
C PHE A 244 16.30 -15.99 10.71
N ALA A 245 17.53 -15.79 10.25
CA ALA A 245 18.70 -16.13 11.05
C ALA A 245 18.89 -15.16 12.21
N GLY A 246 18.73 -13.86 11.96
CA GLY A 246 18.78 -12.91 13.05
C GLY A 246 17.72 -13.13 14.10
N MET A 247 16.53 -13.59 13.70
CA MET A 247 15.49 -13.91 14.67
C MET A 247 15.80 -15.20 15.42
N TRP A 248 16.24 -16.25 14.72
CA TRP A 248 16.52 -17.52 15.39
C TRP A 248 17.64 -17.37 16.42
N ASN A 249 18.57 -16.44 16.20
CA ASN A 249 19.70 -16.29 17.10
C ASN A 249 19.31 -15.53 18.36
N ASP A 250 18.52 -14.47 18.24
CA ASP A 250 18.10 -13.73 19.42
C ASP A 250 17.12 -14.55 20.26
N VAL A 251 16.23 -15.30 19.62
CA VAL A 251 15.29 -16.12 20.40
C VAL A 251 16.03 -17.29 21.03
N SER A 252 15.45 -17.80 22.11
CA SER A 252 16.05 -18.92 22.83
C SER A 252 16.07 -20.17 21.97
N ASN A 253 17.00 -21.07 22.30
CA ASN A 253 17.05 -22.36 21.62
C ASN A 253 15.77 -23.16 21.83
N THR A 254 15.13 -22.98 23.00
CA THR A 254 13.84 -23.64 23.25
C THR A 254 12.78 -23.13 22.29
N ALA A 255 12.75 -21.82 22.04
CA ALA A 255 11.82 -21.27 21.06
C ALA A 255 12.21 -21.68 19.65
N GLU A 256 13.51 -21.79 19.38
CA GLU A 256 13.96 -22.16 18.03
C GLU A 256 13.58 -23.60 17.70
N TYR A 257 13.73 -24.52 18.66
CA TYR A 257 13.41 -25.92 18.37
C TYR A 257 11.91 -26.14 18.27
N GLY A 258 11.12 -25.46 19.11
CA GLY A 258 9.68 -25.64 19.07
C GLY A 258 9.07 -25.10 17.79
N GLY A 259 9.54 -23.93 17.34
CA GLY A 259 8.99 -23.37 16.11
C GLY A 259 9.42 -24.12 14.87
N LEU A 260 10.67 -24.59 14.84
CA LEU A 260 11.14 -25.33 13.67
C LEU A 260 10.41 -26.65 13.48
N THR A 261 10.04 -27.31 14.58
CA THR A 261 9.40 -28.62 14.47
C THR A 261 7.88 -28.56 14.36
N ARG A 262 7.25 -27.48 14.83
CA ARG A 262 5.79 -27.42 14.87
C ARG A 262 5.16 -26.68 13.71
N ARG A 263 5.94 -25.88 12.97
CA ARG A 263 5.34 -24.96 12.01
C ARG A 263 4.78 -25.66 10.79
N SER A 264 5.40 -26.77 10.35
CA SER A 264 4.85 -27.52 9.23
C SER A 264 3.43 -27.99 9.50
N ARG A 265 3.04 -28.06 10.78
CA ARG A 265 1.73 -28.53 11.17
C ARG A 265 0.68 -27.43 11.11
N VAL A 266 1.09 -26.17 11.29
CA VAL A 266 0.15 -25.06 11.24
C VAL A 266 -0.10 -24.62 9.81
N ILE A 267 0.95 -24.28 9.08
CA ILE A 267 0.85 -23.99 7.65
C ILE A 267 1.09 -25.32 6.96
N ASN A 268 0.01 -26.02 6.65
CA ASN A 268 0.09 -27.39 6.15
C ASN A 268 0.02 -27.40 4.62
N GLU A 269 -0.07 -28.59 4.05
CA GLU A 269 -0.24 -28.71 2.61
C GLU A 269 -1.59 -28.17 2.16
N GLN A 270 -2.62 -28.34 3.00
CA GLN A 270 -3.98 -27.83 2.66
C GLN A 270 -3.91 -26.31 2.43
N SER A 271 -3.20 -25.58 3.30
CA SER A 271 -3.07 -24.11 3.17
C SER A 271 -2.28 -23.76 1.91
N ARG A 272 -1.28 -24.57 1.58
CA ARG A 272 -0.42 -24.37 0.37
C ARG A 272 -1.28 -24.56 -0.89
N GLN A 273 -2.21 -25.51 -0.87
CA GLN A 273 -3.12 -25.76 -2.01
C GLN A 273 -4.01 -24.53 -2.21
N GLU A 274 -4.51 -23.96 -1.10
CA GLU A 274 -5.41 -22.78 -1.16
C GLU A 274 -4.65 -21.55 -1.67
N MET A 275 -3.39 -21.39 -1.28
CA MET A 275 -2.64 -20.24 -1.77
C MET A 275 -2.49 -20.26 -3.28
N ARG A 276 -2.45 -21.47 -3.85
CA ARG A 276 -2.32 -21.63 -5.32
C ARG A 276 -3.64 -21.20 -5.98
N LYS A 277 -4.76 -21.54 -5.34
CA LYS A 277 -6.10 -21.19 -5.89
C LYS A 277 -6.34 -19.68 -5.74
N ILE A 278 -5.95 -19.11 -4.60
CA ILE A 278 -6.08 -17.67 -4.40
C ILE A 278 -5.36 -16.91 -5.51
N LEU A 279 -4.16 -17.38 -5.87
CA LEU A 279 -3.41 -16.73 -6.94
C LEU A 279 -4.08 -16.89 -8.29
N LYS A 280 -4.75 -18.02 -8.53
CA LYS A 280 -5.40 -18.22 -9.83
C LYS A 280 -6.68 -17.40 -9.94
N GLU A 281 -7.37 -17.16 -8.83
CA GLU A 281 -8.53 -16.29 -8.86
C GLU A 281 -8.15 -14.86 -9.20
N ILE A 282 -6.98 -14.40 -8.72
CA ILE A 282 -6.47 -13.08 -9.09
C ILE A 282 -6.08 -13.06 -10.55
N GLN A 283 -5.31 -14.05 -10.99
CA GLN A 283 -4.71 -14.03 -12.33
C GLN A 283 -5.77 -14.00 -13.42
N ASP A 284 -6.90 -14.67 -13.22
CA ASP A 284 -7.95 -14.72 -14.22
C ASP A 284 -9.10 -13.75 -13.94
N GLY A 285 -8.88 -12.77 -13.06
CA GLY A 285 -9.84 -11.71 -12.85
C GLY A 285 -11.07 -12.07 -12.05
N ARG A 286 -11.07 -13.20 -11.35
CA ARG A 286 -12.25 -13.56 -10.57
C ARG A 286 -12.35 -12.76 -9.28
N PHE A 287 -11.23 -12.47 -8.62
CA PHE A 287 -11.28 -11.62 -7.44
C PHE A 287 -11.72 -10.21 -7.80
N THR A 288 -11.14 -9.64 -8.85
CA THR A 288 -11.53 -8.29 -9.28
C THR A 288 -13.03 -8.21 -9.54
N LYS A 289 -13.57 -9.23 -10.20
CA LYS A 289 -15.03 -9.28 -10.48
C LYS A 289 -15.78 -9.31 -9.15
N GLU A 290 -15.30 -10.10 -8.19
CA GLU A 290 -15.94 -10.17 -6.88
C GLU A 290 -15.88 -8.83 -6.17
N TRP A 291 -14.74 -8.16 -6.24
CA TRP A 291 -14.55 -6.88 -5.54
C TRP A 291 -15.34 -5.76 -6.20
N ALA A 292 -15.42 -5.77 -7.53
CA ALA A 292 -16.24 -4.77 -8.22
C ALA A 292 -17.72 -4.93 -7.89
N LEU A 293 -18.17 -6.18 -7.76
CA LEU A 293 -19.56 -6.43 -7.42
C LEU A 293 -19.87 -6.13 -5.95
N GLU A 294 -18.88 -6.27 -5.06
CA GLU A 294 -19.09 -5.86 -3.68
C GLU A 294 -19.44 -4.38 -3.59
N ASN A 295 -18.81 -3.56 -4.42
CA ASN A 295 -19.03 -2.12 -4.41
C ASN A 295 -20.36 -1.76 -5.05
N ILE A 296 -20.65 -2.31 -6.22
CA ILE A 296 -21.93 -2.08 -6.88
C ILE A 296 -23.08 -2.54 -5.99
N SER A 297 -22.86 -3.58 -5.19
CA SER A 297 -23.90 -4.12 -4.31
C SER A 297 -24.07 -3.33 -3.03
N GLY A 298 -23.16 -2.42 -2.69
CA GLY A 298 -23.32 -1.61 -1.51
C GLY A 298 -22.50 -1.99 -0.30
N LYS A 299 -21.51 -2.88 -0.45
CA LYS A 299 -20.58 -3.23 0.62
C LYS A 299 -21.28 -3.76 1.87
N ALA A 300 -22.42 -4.45 1.70
CA ALA A 300 -23.10 -5.02 2.85
C ALA A 300 -22.29 -6.14 3.48
N HIS A 301 -21.70 -7.00 2.64
CA HIS A 301 -20.86 -8.09 3.14
C HIS A 301 -19.62 -7.54 3.84
N LEU A 302 -18.91 -6.62 3.17
CA LEU A 302 -17.73 -6.02 3.77
C LEU A 302 -18.04 -5.31 5.08
N ASN A 303 -19.09 -4.48 5.09
CA ASN A 303 -19.42 -3.73 6.29
C ASN A 303 -19.84 -4.67 7.42
N SER A 304 -20.51 -5.77 7.10
CA SER A 304 -20.87 -6.74 8.13
C SER A 304 -19.61 -7.41 8.69
N MET A 305 -18.64 -7.72 7.83
CA MET A 305 -17.39 -8.30 8.32
C MET A 305 -16.63 -7.30 9.19
N ARG A 306 -16.67 -6.02 8.84
CA ARG A 306 -16.08 -4.99 9.68
C ARG A 306 -16.71 -4.98 11.07
N ARG A 307 -18.03 -5.14 11.13
CA ARG A 307 -18.70 -5.11 12.43
C ARG A 307 -18.35 -6.33 13.27
N ILE A 308 -18.26 -7.51 12.65
CA ILE A 308 -17.95 -8.72 13.41
C ILE A 308 -16.51 -8.66 13.91
N GLU A 309 -15.60 -8.10 13.11
CA GLU A 309 -14.22 -7.97 13.56
C GLU A 309 -14.13 -7.11 14.81
N SER A 310 -14.87 -6.00 14.86
CA SER A 310 -14.81 -5.09 16.00
C SER A 310 -15.41 -5.69 17.27
N GLU A 311 -16.19 -6.76 17.14
CA GLU A 311 -16.77 -7.41 18.31
C GLU A 311 -15.92 -8.56 18.83
N LEU A 312 -14.76 -8.81 18.24
CA LEU A 312 -13.88 -9.84 18.74
C LEU A 312 -13.33 -9.47 20.11
N LEU A 313 -13.26 -10.46 21.00
CA LEU A 313 -12.72 -10.23 22.33
C LEU A 313 -11.25 -9.81 22.27
N ILE A 314 -10.50 -10.30 21.28
CA ILE A 314 -9.10 -9.90 21.12
C ILE A 314 -8.98 -8.39 20.98
N GLU A 315 -9.92 -7.78 20.25
CA GLU A 315 -9.86 -6.34 20.04
C GLU A 315 -10.29 -5.57 21.28
N GLU A 316 -11.19 -6.15 22.09
CA GLU A 316 -11.54 -5.52 23.35
C GLU A 316 -10.36 -5.54 24.31
N VAL A 317 -9.88 -6.73 24.67
CA VAL A 317 -8.74 -6.85 25.57
C VAL A 317 -7.49 -6.23 24.95
N GLY A 318 -7.36 -6.31 23.63
CA GLY A 318 -6.26 -5.62 22.97
C GLY A 318 -6.29 -4.12 23.21
N ALA A 319 -7.44 -3.50 22.97
CA ALA A 319 -7.55 -2.05 23.09
C ALA A 319 -7.34 -1.60 24.54
N LYS A 320 -7.81 -2.40 25.51
CA LYS A 320 -7.70 -1.99 26.90
C LYS A 320 -6.25 -1.98 27.37
N LEU A 321 -5.45 -2.93 26.90
CA LEU A 321 -4.04 -2.97 27.30
C LEU A 321 -3.22 -1.89 26.59
N ARG A 322 -3.56 -1.60 25.34
CA ARG A 322 -2.83 -0.57 24.60
C ARG A 322 -3.14 0.83 25.10
N LYS A 323 -4.25 1.03 25.80
CA LYS A 323 -4.61 2.33 26.33
C LYS A 323 -3.95 2.61 27.68
N MET A 324 -4.04 1.64 28.60
CA MET A 324 -3.51 1.84 29.94
C MET A 324 -2.01 2.14 29.92
N CYS A 325 -1.26 1.44 29.06
CA CYS A 325 0.17 1.68 28.91
C CYS A 325 0.46 2.91 28.05
N GLY A 326 -0.54 3.47 27.39
CA GLY A 326 -0.32 4.65 26.56
C GLY A 326 0.16 4.37 25.16
N LEU A 327 -0.20 3.21 24.60
CA LEU A 327 0.23 2.90 23.21
C LEU A 327 -0.85 3.33 22.23
N GLN A 328 -2.04 3.65 22.74
CA GLN A 328 -3.16 4.03 21.89
C GLN A 328 -4.02 5.03 22.66
N LYS A 329 -4.29 6.18 22.05
CA LYS A 329 -4.93 7.29 22.75
C LYS A 329 -6.44 7.15 22.76
#